data_5FE9
#
_entry.id   5FE9
#
_cell.length_a   100.076
_cell.length_b   100.076
_cell.length_c   99.821
_cell.angle_alpha   90.00
_cell.angle_beta   90.00
_cell.angle_gamma   120.00
#
_symmetry.space_group_name_H-M   'H 3'
#
loop_
_entity.id
_entity.type
_entity.pdbx_description
1 polymer 'Histone acetyltransferase KAT2B'
2 non-polymer ~{N}-(1,4-dimethyl-2-oxidanylidene-quinolin-7-yl)methanesulfonamide
3 non-polymer 1,2-ETHANEDIOL
4 water water
#
_entity_poly.entity_id   1
_entity_poly.type   'polypeptide(L)'
_entity_poly.pdbx_seq_one_letter_code
;SMGKEKSKEPRDPDQLYSTLKSILQQVKSHQSAWPFMEPVKRTEAPGYYEVIRFPMDLKTMSERLKNRYYVSKKLFMADL
QRVFTNCKEYNPPESEYYKCANILEKFFFSKIKEAGLID
;
_entity_poly.pdbx_strand_id   A,B
#
loop_
_chem_comp.id
_chem_comp.type
_chem_comp.name
_chem_comp.formula
5WS non-polymer ~{N}-(1,4-dimethyl-2-oxidanylidene-quinolin-7-yl)methanesulfonamide 'C12 H14 N2 O3 S'
EDO non-polymer 1,2-ETHANEDIOL 'C2 H6 O2'
#
# COMPACT_ATOMS: atom_id res chain seq x y z
N ARG A 11 -28.73 -3.68 -13.17
CA ARG A 11 -27.32 -3.53 -13.58
C ARG A 11 -26.49 -2.53 -12.71
N ASP A 12 -27.02 -2.00 -11.59
CA ASP A 12 -26.25 -1.07 -10.71
C ASP A 12 -25.17 -1.81 -9.84
N PRO A 13 -25.56 -2.93 -9.17
CA PRO A 13 -24.57 -3.88 -8.60
C PRO A 13 -23.86 -4.78 -9.65
N ASP A 14 -24.50 -5.01 -10.80
CA ASP A 14 -23.91 -5.83 -11.87
C ASP A 14 -22.96 -5.08 -12.78
N GLN A 15 -23.05 -3.75 -12.83
CA GLN A 15 -22.02 -2.92 -13.49
C GLN A 15 -20.72 -2.97 -12.68
N LEU A 16 -20.84 -2.91 -11.36
CA LEU A 16 -19.67 -3.03 -10.48
C LEU A 16 -18.96 -4.38 -10.68
N TYR A 17 -19.74 -5.46 -10.56
CA TYR A 17 -19.27 -6.83 -10.80
C TYR A 17 -18.53 -7.00 -12.12
N SER A 18 -19.13 -6.49 -13.20
CA SER A 18 -18.53 -6.57 -14.54
C SER A 18 -17.21 -5.83 -14.61
N THR A 19 -17.18 -4.63 -14.04
CA THR A 19 -15.97 -3.78 -14.04
C THR A 19 -14.87 -4.44 -13.25
N LEU A 20 -15.21 -5.00 -12.11
CA LEU A 20 -14.24 -5.68 -11.25
C LEU A 20 -13.73 -6.99 -11.86
N LYS A 21 -14.63 -7.76 -12.44
CA LYS A 21 -14.25 -8.99 -13.12
C LYS A 21 -13.30 -8.71 -14.26
N SER A 22 -13.59 -7.66 -15.03
CA SER A 22 -12.70 -7.22 -16.10
C SER A 22 -11.35 -6.83 -15.51
N ILE A 23 -11.35 -5.93 -14.53
CA ILE A 23 -10.09 -5.49 -13.93
C ILE A 23 -9.30 -6.68 -13.35
N LEU A 24 -9.94 -7.54 -12.59
CA LEU A 24 -9.24 -8.68 -11.98
C LEU A 24 -8.68 -9.65 -13.02
N GLN A 25 -9.44 -9.90 -14.08
CA GLN A 25 -8.96 -10.76 -15.15
C GLN A 25 -7.74 -10.21 -15.82
N GLN A 26 -7.73 -8.91 -16.08
CA GLN A 26 -6.60 -8.28 -16.72
C GLN A 26 -5.36 -8.35 -15.83
N VAL A 27 -5.57 -8.09 -14.54
CA VAL A 27 -4.49 -8.20 -13.57
C VAL A 27 -3.94 -9.64 -13.56
N LYS A 28 -4.84 -10.61 -13.53
CA LYS A 28 -4.45 -12.04 -13.56
C LYS A 28 -3.74 -12.51 -14.83
N SER A 29 -4.04 -11.88 -15.98
CA SER A 29 -3.38 -12.21 -17.26
C SER A 29 -2.00 -11.56 -17.46
N HIS A 30 -1.69 -10.56 -16.63
CA HIS A 30 -0.45 -9.80 -16.74
C HIS A 30 0.77 -10.71 -16.47
N GLN A 31 1.84 -10.53 -17.23
CA GLN A 31 3.12 -11.26 -17.05
C GLN A 31 3.65 -11.27 -15.62
N SER A 32 3.49 -10.15 -14.91
CA SER A 32 4.03 -9.99 -13.56
C SER A 32 3.10 -10.51 -12.42
N ALA A 33 1.96 -11.10 -12.79
CA ALA A 33 1.03 -11.63 -11.79
C ALA A 33 1.40 -13.00 -11.25
N TRP A 34 2.36 -13.69 -11.86
CA TRP A 34 2.62 -15.12 -11.53
C TRP A 34 2.95 -15.39 -10.06
N PRO A 35 3.63 -14.46 -9.35
CA PRO A 35 3.81 -14.74 -7.91
C PRO A 35 2.55 -14.68 -7.06
N PHE A 36 1.48 -14.06 -7.57
CA PHE A 36 0.33 -13.73 -6.76
C PHE A 36 -0.92 -14.52 -7.10
N MET A 37 -0.80 -15.59 -7.89
CA MET A 37 -1.96 -16.32 -8.43
C MET A 37 -2.61 -17.26 -7.42
N GLU A 38 -1.84 -17.76 -6.45
CA GLU A 38 -2.42 -18.56 -5.37
C GLU A 38 -1.78 -18.23 -4.00
N PRO A 39 -2.43 -18.65 -2.89
CA PRO A 39 -1.89 -18.43 -1.53
C PRO A 39 -0.42 -18.85 -1.35
N VAL A 40 0.34 -18.04 -0.63
CA VAL A 40 1.73 -18.39 -0.26
C VAL A 40 1.70 -19.71 0.52
N LYS A 41 2.58 -20.63 0.16
CA LYS A 41 2.67 -21.90 0.87
C LYS A 41 3.69 -21.76 2.01
N ARG A 42 3.28 -22.23 3.22
CA ARG A 42 4.15 -22.25 4.40
C ARG A 42 5.50 -22.92 4.14
N THR A 43 5.45 -24.02 3.39
CA THR A 43 6.65 -24.77 3.05
C THR A 43 7.62 -23.92 2.23
N GLU A 44 7.08 -23.11 1.32
CA GLU A 44 7.90 -22.27 0.44
C GLU A 44 8.34 -20.92 1.06
N ALA A 45 7.80 -20.54 2.23
CA ALA A 45 8.20 -19.24 2.86
C ALA A 45 8.25 -19.20 4.38
N PRO A 46 9.46 -19.40 4.97
CA PRO A 46 9.49 -19.55 6.42
C PRO A 46 9.09 -18.29 7.17
N GLY A 47 8.37 -18.48 8.27
CA GLY A 47 7.96 -17.37 9.08
C GLY A 47 7.06 -16.37 8.37
N TYR A 48 6.54 -16.72 7.17
CA TYR A 48 5.71 -15.78 6.40
C TYR A 48 4.45 -15.43 7.18
N TYR A 49 3.79 -16.44 7.73
CA TYR A 49 2.50 -16.26 8.37
C TYR A 49 2.60 -15.69 9.79
N GLU A 50 3.81 -15.62 10.34
CA GLU A 50 4.03 -14.88 11.58
C GLU A 50 4.12 -13.39 11.31
N VAL A 51 4.74 -13.01 10.20
CA VAL A 51 4.91 -11.58 9.87
C VAL A 51 3.69 -10.99 9.12
N ILE A 52 3.15 -11.75 8.16
CA ILE A 52 2.04 -11.27 7.34
C ILE A 52 0.68 -11.70 7.95
N ARG A 53 -0.05 -10.73 8.48
CA ARG A 53 -1.23 -11.00 9.28
C ARG A 53 -2.47 -11.24 8.42
N PHE A 54 -2.56 -10.54 7.28
CA PHE A 54 -3.68 -10.68 6.35
C PHE A 54 -3.21 -11.09 4.96
N PRO A 55 -2.85 -12.37 4.78
CA PRO A 55 -2.47 -12.82 3.46
C PRO A 55 -3.57 -12.59 2.41
N MET A 56 -3.17 -12.37 1.16
CA MET A 56 -4.13 -12.26 0.08
C MET A 56 -3.48 -12.68 -1.24
N ASP A 57 -4.31 -13.13 -2.18
CA ASP A 57 -3.84 -13.57 -3.50
C ASP A 57 -4.98 -13.50 -4.48
N LEU A 58 -4.67 -13.59 -5.76
CA LEU A 58 -5.65 -13.37 -6.84
C LEU A 58 -6.68 -14.50 -7.03
N LYS A 59 -6.33 -15.72 -6.63
CA LYS A 59 -7.30 -16.82 -6.60
C LYS A 59 -8.37 -16.58 -5.52
N THR A 60 -7.94 -16.27 -4.31
CA THR A 60 -8.84 -15.89 -3.23
C THR A 60 -9.72 -14.69 -3.68
N MET A 61 -9.13 -13.73 -4.39
CA MET A 61 -9.90 -12.60 -4.88
C MET A 61 -10.93 -13.02 -5.92
N SER A 62 -10.56 -13.96 -6.79
CA SER A 62 -11.50 -14.53 -7.79
C SER A 62 -12.69 -15.17 -7.12
N GLU A 63 -12.42 -15.91 -6.04
CA GLU A 63 -13.47 -16.57 -5.29
C GLU A 63 -14.37 -15.56 -4.61
N ARG A 64 -13.74 -14.59 -3.93
CA ARG A 64 -14.48 -13.53 -3.24
C ARG A 64 -15.39 -12.79 -4.20
N LEU A 65 -14.86 -12.47 -5.38
CA LEU A 65 -15.65 -11.85 -6.44
C LEU A 65 -16.84 -12.72 -6.87
N LYS A 66 -16.58 -13.99 -7.18
CA LYS A 66 -17.60 -14.97 -7.54
C LYS A 66 -18.64 -15.11 -6.42
N ASN A 67 -18.18 -14.98 -5.18
CA ASN A 67 -19.09 -15.01 -4.00
C ASN A 67 -19.82 -13.69 -3.70
N ARG A 68 -19.71 -12.69 -4.58
CA ARG A 68 -20.42 -11.40 -4.40
C ARG A 68 -20.02 -10.67 -3.10
N TYR A 69 -18.75 -10.82 -2.72
CA TYR A 69 -18.19 -10.12 -1.58
C TYR A 69 -17.87 -8.66 -1.89
N TYR A 70 -17.51 -8.36 -3.14
CA TYR A 70 -17.07 -7.02 -3.50
C TYR A 70 -18.26 -6.13 -3.86
N VAL A 71 -19.00 -5.75 -2.82
CA VAL A 71 -20.18 -4.84 -2.98
C VAL A 71 -19.79 -3.36 -3.13
N SER A 72 -18.49 -3.05 -2.98
CA SER A 72 -17.96 -1.70 -3.16
C SER A 72 -16.57 -1.72 -3.75
N LYS A 73 -16.20 -0.58 -4.33
CA LYS A 73 -14.87 -0.36 -4.85
C LYS A 73 -13.82 -0.50 -3.71
N LYS A 74 -14.12 0.10 -2.57
CA LYS A 74 -13.24 0.09 -1.40
C LYS A 74 -12.73 -1.32 -1.06
N LEU A 75 -13.64 -2.29 -0.98
CA LEU A 75 -13.29 -3.66 -0.54
C LEU A 75 -12.38 -4.35 -1.52
N PHE A 76 -12.64 -4.15 -2.81
CA PHE A 76 -11.81 -4.70 -3.88
C PHE A 76 -10.42 -4.10 -3.88
N MET A 77 -10.35 -2.76 -3.76
CA MET A 77 -9.08 -2.03 -3.69
C MET A 77 -8.23 -2.49 -2.56
N ALA A 78 -8.85 -2.68 -1.40
CA ALA A 78 -8.06 -3.04 -0.20
C ALA A 78 -7.41 -4.40 -0.36
N ASP A 79 -8.15 -5.34 -0.95
CA ASP A 79 -7.64 -6.72 -1.09
C ASP A 79 -6.50 -6.74 -2.06
N LEU A 80 -6.67 -6.08 -3.18
CA LEU A 80 -5.63 -6.09 -4.19
C LEU A 80 -4.40 -5.31 -3.75
N GLN A 81 -4.63 -4.20 -3.08
CA GLN A 81 -3.53 -3.44 -2.52
C GLN A 81 -2.73 -4.27 -1.50
N ARG A 82 -3.41 -5.04 -0.68
CA ARG A 82 -2.79 -5.91 0.27
C ARG A 82 -1.89 -6.99 -0.33
N VAL A 83 -2.26 -7.48 -1.50
CA VAL A 83 -1.39 -8.40 -2.21
C VAL A 83 -0.01 -7.77 -2.38
N PHE A 84 -0.01 -6.50 -2.77
CA PHE A 84 1.24 -5.80 -3.06
C PHE A 84 1.99 -5.46 -1.81
N THR A 85 1.29 -4.96 -0.80
CA THR A 85 1.97 -4.47 0.38
C THR A 85 2.52 -5.64 1.22
N ASN A 86 1.82 -6.77 1.21
CA ASN A 86 2.34 -8.00 1.83
C ASN A 86 3.68 -8.40 1.18
N CYS A 87 3.66 -8.46 -0.14
CA CYS A 87 4.84 -8.81 -0.88
C CYS A 87 6.01 -7.88 -0.59
N LYS A 88 5.74 -6.57 -0.55
CA LYS A 88 6.80 -5.61 -0.36
C LYS A 88 7.34 -5.61 1.03
N GLU A 89 6.49 -5.89 2.03
CA GLU A 89 6.96 -6.00 3.43
C GLU A 89 7.87 -7.21 3.62
N TYR A 90 7.45 -8.35 3.05
CA TYR A 90 8.13 -9.61 3.27
C TYR A 90 9.43 -9.74 2.48
N ASN A 91 9.44 -9.31 1.23
CA ASN A 91 10.59 -9.55 0.35
C ASN A 91 11.60 -8.38 0.27
N PRO A 92 12.90 -8.72 0.04
CA PRO A 92 13.90 -7.66 -0.16
C PRO A 92 13.65 -6.88 -1.46
N PRO A 93 13.99 -5.58 -1.47
CA PRO A 93 13.50 -4.61 -2.45
C PRO A 93 13.93 -4.88 -3.90
N GLU A 94 15.06 -5.55 -4.08
CA GLU A 94 15.52 -5.88 -5.42
C GLU A 94 15.20 -7.32 -5.81
N SER A 95 14.36 -8.00 -5.01
CA SER A 95 13.89 -9.31 -5.39
C SER A 95 12.94 -9.22 -6.57
N GLU A 96 12.90 -10.29 -7.35
CA GLU A 96 11.96 -10.45 -8.44
C GLU A 96 10.50 -10.31 -7.96
N TYR A 97 10.20 -10.80 -6.75
CA TYR A 97 8.84 -10.68 -6.21
C TYR A 97 8.46 -9.23 -5.97
N TYR A 98 9.38 -8.46 -5.37
CA TYR A 98 9.14 -7.04 -5.10
C TYR A 98 9.00 -6.28 -6.42
N LYS A 99 9.87 -6.55 -7.39
CA LYS A 99 9.74 -5.96 -8.74
C LYS A 99 8.38 -6.22 -9.40
N CYS A 100 7.95 -7.48 -9.41
CA CYS A 100 6.64 -7.84 -9.97
C CYS A 100 5.52 -7.05 -9.29
N ALA A 101 5.58 -6.94 -7.96
CA ALA A 101 4.56 -6.25 -7.22
C ALA A 101 4.36 -4.80 -7.66
N ASN A 102 5.47 -4.09 -7.88
CA ASN A 102 5.37 -2.69 -8.30
C ASN A 102 4.96 -2.51 -9.72
N ILE A 103 5.42 -3.41 -10.60
CA ILE A 103 5.00 -3.42 -11.99
C ILE A 103 3.49 -3.63 -12.04
N LEU A 104 3.01 -4.64 -11.34
CA LEU A 104 1.58 -5.01 -11.38
C LEU A 104 0.67 -4.02 -10.62
N GLU A 105 1.20 -3.42 -9.58
CA GLU A 105 0.54 -2.28 -8.91
C GLU A 105 0.36 -1.06 -9.81
N LYS A 106 1.41 -0.70 -10.57
CA LYS A 106 1.26 0.33 -11.60
C LYS A 106 0.16 0.02 -12.57
N PHE A 107 0.14 -1.23 -13.04
CA PHE A 107 -0.85 -1.65 -14.00
C PHE A 107 -2.24 -1.55 -13.39
N PHE A 108 -2.40 -2.14 -12.24
CA PHE A 108 -3.61 -2.04 -11.43
C PHE A 108 -4.15 -0.59 -11.30
N PHE A 109 -3.32 0.36 -10.85
CA PHE A 109 -3.80 1.76 -10.68
C PHE A 109 -4.17 2.38 -12.01
N SER A 110 -3.47 2.03 -13.10
CA SER A 110 -3.87 2.51 -14.41
C SER A 110 -5.27 1.96 -14.78
N LYS A 111 -5.53 0.68 -14.55
CA LYS A 111 -6.85 0.09 -14.91
C LYS A 111 -8.00 0.59 -14.05
N ILE A 112 -7.77 0.77 -12.76
CA ILE A 112 -8.73 1.40 -11.84
C ILE A 112 -9.16 2.81 -12.31
N LYS A 113 -8.16 3.63 -12.67
CA LYS A 113 -8.39 4.99 -13.13
C LYS A 113 -9.09 4.98 -14.49
N GLU A 114 -8.61 4.14 -15.39
CA GLU A 114 -9.23 3.94 -16.71
C GLU A 114 -10.71 3.58 -16.61
N ALA A 115 -11.10 2.81 -15.59
CA ALA A 115 -12.52 2.44 -15.37
C ALA A 115 -13.38 3.53 -14.68
N GLY A 116 -12.79 4.68 -14.36
CA GLY A 116 -13.48 5.72 -13.59
C GLY A 116 -13.90 5.24 -12.21
N LEU A 117 -13.14 4.33 -11.64
CA LEU A 117 -13.49 3.69 -10.40
C LEU A 117 -12.82 4.48 -9.19
N ILE A 118 -11.91 5.44 -9.49
CA ILE A 118 -11.47 6.53 -8.53
C ILE A 118 -11.82 7.87 -9.19
N ASP A 119 -12.41 8.79 -8.43
CA ASP A 119 -12.88 10.10 -8.97
C ASP A 119 -11.87 11.21 -8.69
N ARG B 11 11.39 -0.02 28.36
CA ARG B 11 9.96 -0.32 28.63
C ARG B 11 9.26 -0.92 27.40
N ASP B 12 8.11 -1.55 27.64
CA ASP B 12 7.41 -2.33 26.60
C ASP B 12 6.64 -1.47 25.59
N PRO B 13 5.85 -0.46 26.08
CA PRO B 13 5.33 0.61 25.20
C PRO B 13 6.37 1.68 24.76
N ASP B 14 7.41 1.87 25.56
CA ASP B 14 8.47 2.85 25.26
C ASP B 14 9.56 2.33 24.33
N GLN B 15 9.72 1.01 24.23
CA GLN B 15 10.57 0.42 23.20
C GLN B 15 9.90 0.62 21.83
N LEU B 16 8.58 0.46 21.76
CA LEU B 16 7.82 0.70 20.51
C LEU B 16 7.99 2.18 20.06
N TYR B 17 7.71 3.09 20.96
CA TYR B 17 7.89 4.54 20.73
C TYR B 17 9.27 4.90 20.17
N SER B 18 10.33 4.41 20.83
CA SER B 18 11.70 4.69 20.43
C SER B 18 11.99 4.18 19.05
N THR B 19 11.54 2.94 18.78
CA THR B 19 11.74 2.31 17.50
C THR B 19 11.04 3.07 16.39
N LEU B 20 9.80 3.47 16.65
CA LEU B 20 9.00 4.19 15.67
C LEU B 20 9.55 5.59 15.43
N LYS B 21 9.97 6.27 16.50
CA LYS B 21 10.57 7.60 16.38
C LYS B 21 11.84 7.57 15.53
N SER B 22 12.66 6.54 15.77
CA SER B 22 13.85 6.29 14.96
C SER B 22 13.45 6.06 13.50
N ILE B 23 12.58 5.10 13.27
CA ILE B 23 12.14 4.79 11.90
C ILE B 23 11.56 6.03 11.21
N LEU B 24 10.67 6.74 11.87
CA LEU B 24 10.05 7.90 11.25
C LEU B 24 11.06 8.99 10.92
N GLN B 25 11.99 9.24 11.83
CA GLN B 25 13.01 10.21 11.59
C GLN B 25 13.90 9.88 10.38
N GLN B 26 14.22 8.61 10.24
CA GLN B 26 15.01 8.19 9.09
C GLN B 26 14.25 8.37 7.79
N VAL B 27 12.99 7.98 7.81
CA VAL B 27 12.11 8.15 6.65
C VAL B 27 12.03 9.63 6.28
N LYS B 28 11.85 10.48 7.28
CA LYS B 28 11.85 11.94 7.08
C LYS B 28 13.13 12.55 6.54
N SER B 29 14.29 11.97 6.88
CA SER B 29 15.58 12.49 6.40
C SER B 29 15.97 12.04 5.00
N HIS B 30 15.28 11.02 4.51
CA HIS B 30 15.55 10.46 3.19
C HIS B 30 15.33 11.52 2.05
N GLN B 31 16.21 11.51 1.03
CA GLN B 31 16.12 12.38 -0.16
C GLN B 31 14.74 12.36 -0.84
N SER B 32 14.10 11.21 -0.86
CA SER B 32 12.78 11.04 -1.55
C SER B 32 11.54 11.38 -0.70
N ALA B 33 11.76 11.81 0.55
CA ALA B 33 10.65 12.19 1.43
C ALA B 33 10.11 13.56 1.19
N TRP B 34 10.77 14.38 0.41
CA TRP B 34 10.40 15.81 0.33
C TRP B 34 8.93 16.06 -0.11
N PRO B 35 8.34 15.20 -0.97
CA PRO B 35 6.92 15.48 -1.28
C PRO B 35 5.95 15.23 -0.13
N PHE B 36 6.39 14.53 0.92
CA PHE B 36 5.48 13.97 1.91
C PHE B 36 5.67 14.55 3.28
N MET B 37 6.38 15.67 3.37
CA MET B 37 6.77 16.24 4.68
C MET B 37 5.65 16.97 5.36
N GLU B 38 4.76 17.55 4.58
CA GLU B 38 3.61 18.26 5.14
C GLU B 38 2.37 17.99 4.38
N PRO B 39 1.20 18.35 4.95
CA PRO B 39 -0.06 18.25 4.22
C PRO B 39 0.01 18.91 2.87
N VAL B 40 -0.52 18.23 1.88
CA VAL B 40 -0.53 18.77 0.51
C VAL B 40 -1.19 20.15 0.53
N LYS B 41 -0.59 21.11 -0.16
CA LYS B 41 -1.15 22.48 -0.25
C LYS B 41 -2.12 22.56 -1.45
N ARG B 42 -3.30 23.12 -1.22
CA ARG B 42 -4.32 23.36 -2.28
CA ARG B 42 -4.31 23.33 -2.29
C ARG B 42 -3.74 24.13 -3.47
N THR B 43 -2.90 25.11 -3.18
CA THR B 43 -2.26 25.90 -4.23
C THR B 43 -1.39 25.00 -5.12
N GLU B 44 -0.72 24.03 -4.51
CA GLU B 44 0.14 23.08 -5.24
C GLU B 44 -0.64 21.95 -5.97
N ALA B 45 -1.89 21.68 -5.55
CA ALA B 45 -2.66 20.59 -6.08
C ALA B 45 -4.17 20.92 -5.96
N PRO B 46 -4.66 21.90 -6.73
CA PRO B 46 -6.10 22.22 -6.60
C PRO B 46 -6.99 20.99 -6.94
N GLY B 47 -8.08 20.83 -6.16
CA GLY B 47 -8.93 19.63 -6.21
C GLY B 47 -8.40 18.34 -5.55
N TYR B 48 -7.23 18.40 -4.89
CA TYR B 48 -6.63 17.22 -4.25
C TYR B 48 -7.52 16.70 -3.13
N TYR B 49 -8.05 17.63 -2.35
CA TYR B 49 -8.82 17.29 -1.16
C TYR B 49 -10.26 16.87 -1.47
N GLU B 50 -10.69 17.07 -2.70
CA GLU B 50 -11.95 16.48 -3.18
C GLU B 50 -11.76 15.02 -3.59
N VAL B 51 -10.59 14.70 -4.13
CA VAL B 51 -10.27 13.34 -4.56
C VAL B 51 -9.76 12.43 -3.41
N ILE B 52 -8.83 12.94 -2.63
CA ILE B 52 -8.17 12.16 -1.58
C ILE B 52 -8.92 12.32 -0.25
N ARG B 53 -9.51 11.22 0.19
CA ARG B 53 -10.46 11.25 1.30
C ARG B 53 -9.76 11.22 2.65
N PHE B 54 -8.66 10.47 2.71
CA PHE B 54 -7.87 10.33 3.92
C PHE B 54 -6.43 10.80 3.72
N PRO B 55 -6.21 12.13 3.63
CA PRO B 55 -4.84 12.64 3.51
C PRO B 55 -3.94 12.21 4.66
N MET B 56 -2.66 12.05 4.37
CA MET B 56 -1.67 11.75 5.40
C MET B 56 -0.30 12.28 4.94
N ASP B 57 0.51 12.65 5.92
CA ASP B 57 1.85 13.16 5.66
C ASP B 57 2.72 12.94 6.87
N LEU B 58 4.02 13.09 6.70
CA LEU B 58 4.99 12.76 7.76
C LEU B 58 4.97 13.70 8.97
N LYS B 59 4.52 14.94 8.76
CA LYS B 59 4.38 15.88 9.87
C LYS B 59 3.24 15.46 10.76
N THR B 60 2.08 15.19 10.15
CA THR B 60 0.95 14.66 10.88
C THR B 60 1.35 13.37 11.62
N MET B 61 2.16 12.52 10.97
CA MET B 61 2.65 11.34 11.63
C MET B 61 3.56 11.63 12.82
N SER B 62 4.41 12.65 12.69
CA SER B 62 5.26 13.09 13.80
C SER B 62 4.44 13.49 15.00
N GLU B 63 3.36 14.23 14.74
CA GLU B 63 2.50 14.70 15.81
C GLU B 63 1.77 13.55 16.46
N ARG B 64 1.20 12.66 15.63
CA ARG B 64 0.50 11.48 16.11
C ARG B 64 1.37 10.63 16.98
N LEU B 65 2.61 10.45 16.56
CA LEU B 65 3.63 9.79 17.37
C LEU B 65 3.85 10.49 18.72
N LYS B 66 4.10 11.80 18.70
CA LYS B 66 4.26 12.57 19.99
C LYS B 66 3.02 12.49 20.87
N ASN B 67 1.85 12.42 20.24
CA ASN B 67 0.59 12.26 20.97
C ASN B 67 0.30 10.83 21.43
N ARG B 68 1.26 9.90 21.28
CA ARG B 68 1.10 8.52 21.76
C ARG B 68 -0.09 7.78 21.11
N TYR B 69 -0.32 8.10 19.84
CA TYR B 69 -1.35 7.42 19.05
C TYR B 69 -0.89 6.04 18.55
N TYR B 70 0.40 5.86 18.30
CA TYR B 70 0.90 4.62 17.70
C TYR B 70 1.19 3.57 18.78
N VAL B 71 0.11 3.02 19.35
CA VAL B 71 0.19 1.96 20.37
C VAL B 71 0.47 0.55 19.77
N SER B 72 0.47 0.44 18.44
CA SER B 72 0.83 -0.81 17.74
C SER B 72 1.55 -0.54 16.43
N LYS B 73 2.21 -1.58 15.93
CA LYS B 73 2.86 -1.56 14.61
C LYS B 73 1.80 -1.31 13.52
N LYS B 74 0.68 -2.01 13.60
CA LYS B 74 -0.42 -1.90 12.59
C LYS B 74 -0.75 -0.45 12.28
N LEU B 75 -0.97 0.36 13.33
CA LEU B 75 -1.44 1.75 13.16
C LEU B 75 -0.43 2.63 12.47
N PHE B 76 0.83 2.46 12.84
CA PHE B 76 1.94 3.19 12.23
C PHE B 76 2.07 2.82 10.75
N MET B 77 2.05 1.53 10.47
CA MET B 77 2.14 1.00 9.10
C MET B 77 1.02 1.54 8.22
N ALA B 78 -0.19 1.61 8.75
CA ALA B 78 -1.32 2.03 7.94
C ALA B 78 -1.20 3.51 7.53
N ASP B 79 -0.72 4.34 8.45
CA ASP B 79 -0.60 5.77 8.19
C ASP B 79 0.48 6.00 7.16
N LEU B 80 1.62 5.34 7.34
CA LEU B 80 2.69 5.52 6.40
C LEU B 80 2.32 4.96 5.04
N GLN B 81 1.66 3.82 5.03
CA GLN B 81 1.20 3.21 3.77
C GLN B 81 0.20 4.11 3.00
N ARG B 82 -0.68 4.78 3.72
CA ARG B 82 -1.62 5.75 3.17
C ARG B 82 -0.94 6.93 2.49
N VAL B 83 0.19 7.39 3.04
CA VAL B 83 0.98 8.40 2.38
C VAL B 83 1.29 7.93 0.96
N PHE B 84 1.68 6.67 0.82
CA PHE B 84 2.13 6.11 -0.47
C PHE B 84 0.95 5.85 -1.38
N THR B 85 -0.12 5.29 -0.86
CA THR B 85 -1.28 4.95 -1.68
C THR B 85 -2.07 6.22 -2.14
N ASN B 86 -2.15 7.25 -1.32
CA ASN B 86 -2.69 8.56 -1.76
C ASN B 86 -1.91 9.08 -2.96
N CYS B 87 -0.59 9.08 -2.82
CA CYS B 87 0.29 9.57 -3.85
C CYS B 87 0.10 8.78 -5.15
N LYS B 88 -0.03 7.46 -5.06
CA LYS B 88 -0.17 6.64 -6.25
C LYS B 88 -1.55 6.72 -6.88
N GLU B 89 -2.57 6.95 -6.06
CA GLU B 89 -3.92 7.23 -6.55
C GLU B 89 -4.04 8.56 -7.32
N TYR B 90 -3.45 9.61 -6.77
CA TYR B 90 -3.57 10.95 -7.32
C TYR B 90 -2.67 11.15 -8.52
N ASN B 91 -1.45 10.61 -8.49
CA ASN B 91 -0.44 10.91 -9.50
C ASN B 91 -0.23 9.84 -10.59
N PRO B 92 0.06 10.28 -11.84
CA PRO B 92 0.45 9.33 -12.88
C PRO B 92 1.77 8.59 -12.55
N PRO B 93 1.89 7.34 -13.04
CA PRO B 93 2.93 6.39 -12.62
C PRO B 93 4.37 6.82 -12.87
N GLU B 94 4.60 7.62 -13.90
CA GLU B 94 5.96 8.08 -14.23
C GLU B 94 6.22 9.50 -13.72
N SER B 95 5.32 10.02 -12.87
CA SER B 95 5.59 11.30 -12.19
C SER B 95 6.68 11.12 -11.14
N GLU B 96 7.39 12.20 -10.90
CA GLU B 96 8.38 12.28 -9.84
C GLU B 96 7.77 11.92 -8.47
N TYR B 97 6.55 12.35 -8.23
CA TYR B 97 5.89 12.06 -6.93
C TYR B 97 5.67 10.55 -6.74
N TYR B 98 5.16 9.88 -7.78
CA TYR B 98 5.00 8.45 -7.75
C TYR B 98 6.36 7.76 -7.54
N LYS B 99 7.38 8.16 -8.31
CA LYS B 99 8.73 7.59 -8.16
C LYS B 99 9.27 7.71 -6.73
N CYS B 100 9.19 8.91 -6.16
CA CYS B 100 9.59 9.12 -4.76
C CYS B 100 8.87 8.16 -3.81
N ALA B 101 7.58 7.97 -4.02
CA ALA B 101 6.79 7.13 -3.14
C ALA B 101 7.32 5.71 -3.10
N ASN B 102 7.69 5.15 -4.26
CA ASN B 102 8.18 3.76 -4.32
C ASN B 102 9.61 3.61 -3.79
N ILE B 103 10.43 4.61 -4.05
CA ILE B 103 11.79 4.65 -3.48
C ILE B 103 11.71 4.69 -1.96
N LEU B 104 10.89 5.56 -1.43
CA LEU B 104 10.78 5.72 0.01
C LEU B 104 10.08 4.57 0.69
N GLU B 105 9.13 3.97 -0.02
CA GLU B 105 8.49 2.74 0.45
C GLU B 105 9.50 1.61 0.61
N LYS B 106 10.35 1.42 -0.37
CA LYS B 106 11.43 0.45 -0.27
C LYS B 106 12.26 0.69 1.00
N PHE B 107 12.62 1.95 1.19
CA PHE B 107 13.48 2.33 2.30
C PHE B 107 12.77 2.03 3.62
N PHE B 108 11.54 2.51 3.72
CA PHE B 108 10.62 2.18 4.81
C PHE B 108 10.62 0.70 5.17
N PHE B 109 10.36 -0.16 4.19
CA PHE B 109 10.28 -1.58 4.50
C PHE B 109 11.62 -2.15 4.96
N SER B 110 12.73 -1.63 4.42
CA SER B 110 14.05 -2.10 4.89
C SER B 110 14.26 -1.70 6.35
N LYS B 111 13.85 -0.49 6.74
CA LYS B 111 13.96 -0.07 8.14
C LYS B 111 13.04 -0.78 9.12
N ILE B 112 11.80 -1.02 8.73
CA ILE B 112 10.87 -1.88 9.48
C ILE B 112 11.48 -3.27 9.79
N LYS B 113 12.06 -3.89 8.76
CA LYS B 113 12.64 -5.21 8.87
C LYS B 113 13.92 -5.19 9.70
N GLU B 114 14.78 -4.22 9.41
CA GLU B 114 15.99 -3.95 10.19
C GLU B 114 15.70 -3.79 11.69
N ALA B 115 14.56 -3.20 12.05
CA ALA B 115 14.15 -3.08 13.46
C ALA B 115 13.56 -4.36 14.11
N GLY B 116 13.41 -5.44 13.33
CA GLY B 116 12.71 -6.63 13.81
C GLY B 116 11.27 -6.36 14.20
N LEU B 117 10.62 -5.43 13.49
CA LEU B 117 9.32 -4.95 13.92
C LEU B 117 8.13 -5.84 13.62
N ILE B 118 7.35 -6.10 14.68
CA ILE B 118 6.36 -7.21 14.75
C ILE B 118 5.11 -6.86 15.59
N ASP B 119 4.00 -7.56 15.31
CA ASP B 119 2.74 -7.43 16.09
C ASP B 119 2.66 -8.45 17.21
CAA 5WS C . 8.60 -16.29 -0.44
CAL 5WS C . 7.51 -15.83 -1.19
CAI 5WS C . 7.13 -14.51 -1.00
CAN 5WS C . 6.07 -13.96 -1.70
OAD 5WS C . 5.78 -12.78 -1.49
NAQ 5WS C . 5.38 -14.68 -2.60
CAB 5WS C . 4.24 -14.00 -3.32
CAP 5WS C . 5.72 -15.99 -2.83
CAJ 5WS C . 5.01 -16.79 -3.76
CAO 5WS C . 6.79 -16.60 -2.13
CAH 5WS C . 7.12 -17.95 -2.39
CAG 5WS C . 6.41 -18.70 -3.31
CAM 5WS C . 5.35 -18.12 -3.99
NAK 5WS C . 4.66 -18.83 -4.88
SAR 5WS C . 3.27 -19.68 -4.37
OAE 5WS C . 3.59 -20.46 -3.09
OAF 5WS C . 2.11 -18.73 -4.11
CAC 5WS C . 2.83 -20.76 -5.71
C1 EDO D . -24.15 -14.08 -12.64
O1 EDO D . -24.95 -13.61 -11.55
C2 EDO D . -22.70 -14.24 -12.17
O2 EDO D . -22.44 -15.55 -11.62
CAA 5WS E . 0.82 17.55 -6.93
CAL 5WS E . 1.26 16.88 -5.74
CAI 5WS E . 0.91 15.55 -5.56
CAN 5WS E . 1.32 14.84 -4.41
OAD 5WS E . 0.98 13.66 -4.30
NAQ 5WS E . 2.07 15.44 -3.46
CAB 5WS E . 2.47 14.62 -2.28
CAP 5WS E . 2.45 16.77 -3.60
CAJ 5WS E . 3.24 17.43 -2.62
CAO 5WS E . 2.06 17.52 -4.76
CAH 5WS E . 2.44 18.87 -4.88
CAG 5WS E . 3.23 19.47 -3.90
CAM 5WS E . 3.64 18.76 -2.77
NAK 5WS E . 4.38 19.34 -1.82
SAR 5WS E . 3.59 20.08 -0.47
OAE 5WS E . 2.20 20.57 -0.92
OAF 5WS E . 3.46 19.09 0.72
CAC 5WS E . 4.56 21.47 0.07
#